data_6P0X
#
_entry.id   6P0X
#
_cell.length_a   101.351
_cell.length_b   101.351
_cell.length_c   211.302
_cell.angle_alpha   90.00
_cell.angle_beta   90.00
_cell.angle_gamma   90.00
#
_symmetry.space_group_name_H-M   'P 43 21 2'
#
loop_
_entity.id
_entity.type
_entity.pdbx_description
1 polymer 'Salmonella plasmid virulence: SpvB'
2 non-polymer 'ACRYLIC ACID'
3 non-polymer GLYCEROL
4 non-polymer 2-[BIS-(2-HYDROXY-ETHYL)-AMINO]-2-HYDROXYMETHYL-PROPANE-1,3-DIOL
5 water water
#
_entity_poly.entity_id   1
_entity_poly.type   'polypeptide(L)'
_entity_poly.pdbx_seq_one_letter_code
;SNAALSQSGPDGLASITLPLPISAERGFAPALALHYSSGGGNGPFGVGWSCATMSIARRTSHGVPQYNDSDEFLGPDGEV
LVQTLSTGDAPNPVTCFAYGDVSFPQSYTVTRYQPRTESSFYRLEYWVGNSNGDDFWLLHDSNGILHLLG(MLY)TAAAR
LSDPQAASHTAQWLVEESVTPAGEHIYYSYLAENGDNVDLNGNEAGRDRSAMRYLS(MLY)VQYGNATPAADLYLWTSAT
PAVQWLFTLVFDYGERGVDPQVPPAFTAQNSWLARQDPFSLYNYGFEIRLHRLCRQVLMFHHFPDELGEADTLVSRLLLE
YDENPILTQLCAARTLAYEGD
;
_entity_poly.pdbx_strand_id   A,B
#
# COMPACT_ATOMS: atom_id res chain seq x y z
N GLY A 12 -8.04 13.83 4.99
CA GLY A 12 -7.74 14.98 4.16
C GLY A 12 -7.37 14.59 2.73
N LEU A 13 -6.12 14.84 2.36
CA LEU A 13 -5.65 14.49 1.03
C LEU A 13 -5.21 13.04 0.91
N ALA A 14 -5.04 12.35 2.04
CA ALA A 14 -4.62 10.96 2.02
C ALA A 14 -5.79 10.07 1.59
N SER A 15 -5.52 9.16 0.64
CA SER A 15 -6.56 8.26 0.14
C SER A 15 -6.32 6.81 0.53
N ILE A 16 -5.15 6.47 1.05
CA ILE A 16 -4.88 5.15 1.59
C ILE A 16 -4.18 5.32 2.93
N THR A 17 -4.56 4.50 3.90
CA THR A 17 -3.87 4.41 5.17
C THR A 17 -3.40 2.98 5.38
N LEU A 18 -2.11 2.83 5.64
CA LEU A 18 -1.50 1.56 6.00
C LEU A 18 -1.10 1.61 7.45
N PRO A 19 -1.74 0.85 8.34
CA PRO A 19 -1.44 0.97 9.76
C PRO A 19 -0.10 0.35 10.10
N LEU A 20 0.53 0.89 11.09
CA LEU A 20 1.75 0.32 11.62
C LEU A 20 1.43 -0.63 12.77
N PRO A 21 2.23 -1.66 12.98
CA PRO A 21 1.93 -2.64 14.05
C PRO A 21 2.31 -2.13 15.43
N ILE A 22 1.62 -1.09 15.88
CA ILE A 22 1.93 -0.44 17.15
C ILE A 22 1.12 -1.11 18.26
N SER A 23 1.83 -1.65 19.25
CA SER A 23 1.16 -2.14 20.46
C SER A 23 0.63 -0.97 21.26
N ALA A 24 -0.70 -0.90 21.41
CA ALA A 24 -1.35 0.26 22.01
C ALA A 24 -2.36 -0.16 23.06
N GLU A 25 -2.17 -1.32 23.68
CA GLU A 25 -3.07 -1.78 24.72
C GLU A 25 -2.72 -1.22 26.10
N ARG A 26 -1.51 -0.69 26.27
CA ARG A 26 -1.06 -0.18 27.56
C ARG A 26 -1.08 1.35 27.60
N GLY A 27 -2.09 1.97 27.01
CA GLY A 27 -2.33 3.41 27.21
C GLY A 27 -1.60 4.28 26.19
N PHE A 28 -0.60 5.02 26.67
CA PHE A 28 0.02 6.11 25.91
C PHE A 28 0.98 5.54 24.88
N ALA A 29 0.56 5.50 23.62
CA ALA A 29 1.35 4.96 22.53
C ALA A 29 1.36 5.93 21.36
N PRO A 30 2.42 5.90 20.54
CA PRO A 30 2.43 6.74 19.34
C PRO A 30 1.30 6.37 18.40
N ALA A 31 0.74 7.39 17.75
CA ALA A 31 -0.29 7.23 16.73
C ALA A 31 0.34 7.61 15.39
N LEU A 32 0.92 6.63 14.70
CA LEU A 32 1.58 6.84 13.43
C LEU A 32 1.06 5.82 12.43
N ALA A 33 0.96 6.24 11.18
CA ALA A 33 0.54 5.36 10.11
C ALA A 33 1.15 5.85 8.80
N LEU A 34 1.20 4.95 7.82
CA LEU A 34 1.62 5.32 6.48
C LEU A 34 0.43 5.86 5.71
N HIS A 35 0.61 7.00 5.07
CA HIS A 35 -0.46 7.64 4.31
C HIS A 35 -0.02 7.80 2.86
N TYR A 36 -0.95 7.54 1.95
CA TYR A 36 -0.71 7.72 0.52
C TYR A 36 -1.50 8.90 -0.01
N SER A 37 -0.84 9.78 -0.75
CA SER A 37 -1.49 10.88 -1.44
C SER A 37 -0.99 10.89 -2.88
N SER A 38 -1.93 10.91 -3.83
CA SER A 38 -1.54 10.86 -5.25
C SER A 38 -0.68 12.04 -5.65
N GLY A 39 -0.77 13.17 -4.95
CA GLY A 39 0.06 14.31 -5.24
C GLY A 39 1.35 14.38 -4.46
N GLY A 40 1.63 13.41 -3.61
CA GLY A 40 2.82 13.48 -2.78
C GLY A 40 4.08 13.23 -3.57
N GLY A 41 5.16 13.89 -3.14
CA GLY A 41 6.46 13.73 -3.75
C GLY A 41 7.24 12.57 -3.15
N ASN A 42 8.55 12.60 -3.38
CA ASN A 42 9.42 11.52 -2.93
C ASN A 42 9.85 11.76 -1.48
N GLY A 43 10.35 10.70 -0.85
CA GLY A 43 10.77 10.74 0.52
C GLY A 43 11.24 9.38 1.01
N PRO A 44 11.29 9.19 2.33
CA PRO A 44 11.81 7.92 2.87
C PRO A 44 10.96 6.71 2.53
N PHE A 45 9.75 6.90 2.02
CA PHE A 45 8.88 5.79 1.63
C PHE A 45 8.57 5.81 0.15
N GLY A 46 9.41 6.47 -0.65
CA GLY A 46 9.16 6.58 -2.07
C GLY A 46 8.12 7.63 -2.39
N VAL A 47 7.71 7.63 -3.65
CA VAL A 47 6.76 8.63 -4.14
C VAL A 47 5.37 8.35 -3.58
N GLY A 48 4.71 9.40 -3.08
CA GLY A 48 3.31 9.33 -2.69
C GLY A 48 3.05 8.91 -1.25
N TRP A 49 3.94 8.14 -0.65
CA TRP A 49 3.75 7.65 0.71
C TRP A 49 4.55 8.50 1.70
N SER A 50 4.00 8.66 2.90
CA SER A 50 4.67 9.42 3.93
C SER A 50 4.24 8.93 5.31
N CYS A 51 5.17 9.06 6.25
CA CYS A 51 4.91 8.79 7.68
C CYS A 51 5.88 9.67 8.45
N ALA A 52 5.42 10.88 8.79
CA ALA A 52 6.26 11.87 9.44
C ALA A 52 5.74 12.15 10.85
N THR A 53 6.67 12.51 11.74
CA THR A 53 6.31 12.89 13.09
C THR A 53 5.99 14.38 13.14
N MET A 54 5.38 14.79 14.24
CA MET A 54 5.05 16.20 14.44
C MET A 54 6.32 17.04 14.48
N SER A 55 6.22 18.27 14.00
CA SER A 55 7.38 19.16 13.96
C SER A 55 6.94 20.62 13.97
N ILE A 56 7.87 21.48 14.37
CA ILE A 56 7.79 22.91 14.11
C ILE A 56 8.76 23.23 12.99
N ALA A 57 8.38 24.13 12.08
CA ALA A 57 9.20 24.37 10.90
C ALA A 57 9.24 25.85 10.56
N ARG A 58 10.33 26.25 9.91
CA ARG A 58 10.41 27.59 9.35
C ARG A 58 9.68 27.63 8.02
N ARG A 59 8.98 28.72 7.78
CA ARG A 59 8.22 28.88 6.54
C ARG A 59 9.17 29.08 5.36
N THR A 60 8.77 28.54 4.20
CA THR A 60 9.51 28.74 2.97
C THR A 60 8.69 29.33 1.83
N SER A 61 7.36 29.33 1.94
CA SER A 61 6.51 29.77 0.83
C SER A 61 6.83 31.20 0.40
N HIS A 62 7.17 32.08 1.36
CA HIS A 62 7.50 33.46 1.06
C HIS A 62 9.01 33.70 1.01
N GLY A 63 9.77 32.72 0.54
CA GLY A 63 11.20 32.81 0.40
C GLY A 63 11.94 31.97 1.43
N VAL A 64 13.17 31.63 1.08
CA VAL A 64 14.03 30.82 1.97
C VAL A 64 14.23 31.56 3.28
N PRO A 65 14.11 30.91 4.43
CA PRO A 65 14.37 31.61 5.69
C PRO A 65 15.81 32.10 5.75
N GLN A 66 16.00 33.24 6.41
CA GLN A 66 17.32 33.84 6.58
C GLN A 66 17.93 33.51 7.93
N TYR A 67 17.19 32.81 8.79
CA TYR A 67 17.67 32.40 10.12
C TYR A 67 18.05 33.61 10.96
N ASN A 68 17.05 34.48 11.12
CA ASN A 68 17.15 35.68 11.95
C ASN A 68 15.78 36.02 12.52
N ASP A 69 15.53 37.31 12.77
CA ASP A 69 14.25 37.72 13.34
C ASP A 69 13.13 37.72 12.31
N SER A 70 13.43 38.05 11.05
CA SER A 70 12.42 38.20 10.02
C SER A 70 11.78 36.89 9.58
N ASP A 71 12.19 35.74 10.12
CA ASP A 71 11.59 34.48 9.71
C ASP A 71 10.23 34.26 10.35
N GLU A 72 9.34 33.59 9.61
CA GLU A 72 8.09 33.07 10.13
C GLU A 72 8.22 31.58 10.38
N PHE A 73 7.46 31.10 11.36
CA PHE A 73 7.44 29.68 11.73
C PHE A 73 6.08 29.08 11.42
N LEU A 74 6.05 27.76 11.28
CA LEU A 74 4.83 27.01 11.05
C LEU A 74 4.57 26.06 12.22
N GLY A 75 3.32 26.00 12.65
CA GLY A 75 2.96 25.19 13.80
C GLY A 75 2.83 23.73 13.46
N PRO A 76 2.33 22.93 14.40
CA PRO A 76 2.27 21.48 14.19
C PRO A 76 1.43 21.05 13.00
N ASP A 77 0.43 21.85 12.61
CA ASP A 77 -0.40 21.53 11.46
C ASP A 77 -0.08 22.41 10.25
N GLY A 78 1.11 23.00 10.22
CA GLY A 78 1.51 23.84 9.11
C GLY A 78 0.96 25.26 9.15
N GLU A 79 0.24 25.64 10.19
CA GLU A 79 -0.37 26.97 10.24
C GLU A 79 0.70 28.04 10.46
N VAL A 80 0.51 29.18 9.82
CA VAL A 80 1.44 30.29 9.97
C VAL A 80 1.35 30.84 11.39
N LEU A 81 2.50 31.03 12.02
CA LEU A 81 2.57 31.48 13.41
C LEU A 81 2.93 32.96 13.49
N VAL A 82 2.66 33.53 14.65
CA VAL A 82 3.02 34.91 14.96
C VAL A 82 3.27 34.99 16.46
N GLN A 83 4.18 35.87 16.85
CA GLN A 83 4.45 36.06 18.28
C GLN A 83 3.19 36.58 18.96
N THR A 84 2.90 36.05 20.14
CA THR A 84 1.79 36.56 20.93
C THR A 84 2.11 37.98 21.36
N LEU A 85 1.15 38.90 21.15
CA LEU A 85 1.35 40.29 21.49
C LEU A 85 1.76 40.44 22.96
N SER A 86 2.89 41.10 23.18
CA SER A 86 3.40 41.33 24.51
C SER A 86 2.62 42.45 25.19
N THR A 87 2.17 42.19 26.43
CA THR A 87 1.43 43.17 27.22
C THR A 87 2.12 43.37 28.56
N GLY A 88 1.63 44.35 29.33
CA GLY A 88 2.19 44.59 30.65
C GLY A 88 1.92 43.46 31.62
N ASP A 89 0.71 42.87 31.55
CA ASP A 89 0.37 41.78 32.44
C ASP A 89 1.02 40.47 32.01
N ALA A 90 1.28 40.30 30.72
CA ALA A 90 1.87 39.07 30.18
C ALA A 90 2.96 39.44 29.19
N PRO A 91 4.16 39.77 29.68
CA PRO A 91 5.25 40.12 28.77
C PRO A 91 5.64 38.92 27.91
N ASN A 92 6.06 39.22 26.69
CA ASN A 92 6.52 38.20 25.75
C ASN A 92 7.68 38.78 24.97
N PRO A 93 8.87 38.19 25.03
CA PRO A 93 9.24 36.94 25.72
C PRO A 93 9.44 37.09 27.24
N VAL A 94 9.60 35.96 27.93
CA VAL A 94 9.96 35.94 29.34
C VAL A 94 11.32 35.25 29.48
N THR A 95 11.91 35.39 30.66
CA THR A 95 13.14 34.71 31.00
C THR A 95 12.83 33.56 31.95
N CYS A 96 13.30 32.36 31.61
CA CYS A 96 12.98 31.17 32.36
CA CYS A 96 12.98 31.15 32.36
C CYS A 96 14.26 30.51 32.87
N PHE A 97 14.33 30.26 34.18
CA PHE A 97 15.45 29.58 34.79
C PHE A 97 15.15 28.11 35.13
N ALA A 98 13.89 27.71 35.09
CA ALA A 98 13.51 26.37 35.49
C ALA A 98 12.17 26.03 34.86
N TYR A 99 11.86 24.73 34.80
CA TYR A 99 10.55 24.26 34.40
C TYR A 99 10.08 23.27 35.46
N GLY A 100 9.01 23.62 36.16
CA GLY A 100 8.55 22.80 37.26
C GLY A 100 9.64 22.69 38.32
N ASP A 101 10.06 21.46 38.59
CA ASP A 101 11.06 21.17 39.61
C ASP A 101 12.47 21.05 39.06
N VAL A 102 12.65 21.25 37.76
CA VAL A 102 13.94 21.09 37.12
C VAL A 102 14.52 22.48 36.88
N SER A 103 15.68 22.75 37.46
CA SER A 103 16.40 24.01 37.23
C SER A 103 17.52 23.79 36.24
N PHE A 104 17.72 24.76 35.36
CA PHE A 104 18.61 24.57 34.23
C PHE A 104 19.97 25.18 34.48
N PRO A 105 21.02 24.65 33.82
CA PRO A 105 22.34 25.29 33.90
C PRO A 105 22.35 26.69 33.31
N GLN A 106 21.49 26.98 32.35
CA GLN A 106 21.41 28.28 31.71
C GLN A 106 19.97 28.75 31.70
N SER A 107 19.79 30.07 31.64
CA SER A 107 18.45 30.62 31.48
C SER A 107 18.07 30.65 30.00
N TYR A 108 16.76 30.79 29.76
CA TYR A 108 16.20 30.72 28.41
C TYR A 108 15.31 31.92 28.15
N THR A 109 15.46 32.50 26.96
CA THR A 109 14.48 33.43 26.44
C THR A 109 13.35 32.62 25.81
N VAL A 110 12.14 32.79 26.32
CA VAL A 110 10.99 31.97 25.93
C VAL A 110 9.95 32.87 25.31
N THR A 111 9.64 32.62 24.04
CA THR A 111 8.72 33.43 23.26
C THR A 111 7.51 32.59 22.88
N ARG A 112 6.32 33.05 23.27
CA ARG A 112 5.09 32.34 22.91
C ARG A 112 4.69 32.66 21.48
N TYR A 113 4.31 31.63 20.74
CA TYR A 113 3.82 31.77 19.38
C TYR A 113 2.41 31.20 19.28
N GLN A 114 1.63 31.73 18.35
CA GLN A 114 0.25 31.29 18.17
C GLN A 114 -0.11 31.42 16.70
N PRO A 115 -1.15 30.71 16.26
CA PRO A 115 -1.57 30.83 14.85
C PRO A 115 -2.01 32.24 14.51
N ARG A 116 -1.59 32.71 13.33
CA ARG A 116 -1.94 34.06 12.90
C ARG A 116 -3.42 34.18 12.58
N THR A 117 -3.96 33.20 11.86
CA THR A 117 -5.37 33.23 11.44
C THR A 117 -6.14 31.96 11.75
N GLU A 118 -5.48 30.84 12.01
CA GLU A 118 -6.17 29.58 12.24
C GLU A 118 -6.59 29.45 13.70
N SER A 119 -7.53 28.55 13.94
CA SER A 119 -7.97 28.28 15.30
C SER A 119 -7.04 27.27 15.97
N SER A 120 -6.85 27.45 17.27
CA SER A 120 -6.02 26.54 18.04
C SER A 120 -6.44 26.60 19.50
N PHE A 121 -6.06 25.58 20.26
CA PHE A 121 -6.19 25.59 21.71
C PHE A 121 -4.95 24.95 22.33
N TYR A 122 -3.81 25.61 22.19
CA TYR A 122 -2.58 25.08 22.77
C TYR A 122 -1.72 26.24 23.26
N ARG A 123 -0.58 25.90 23.88
CA ARG A 123 0.44 26.87 24.23
C ARG A 123 1.75 26.41 23.60
N LEU A 124 2.24 27.19 22.63
CA LEU A 124 3.46 26.87 21.91
C LEU A 124 4.53 27.90 22.24
N GLU A 125 5.74 27.43 22.57
CA GLU A 125 6.81 28.31 23.00
C GLU A 125 8.10 27.96 22.29
N TYR A 126 8.88 28.99 21.96
CA TYR A 126 10.20 28.86 21.37
C TYR A 126 11.21 29.24 22.45
N TRP A 127 12.08 28.29 22.80
CA TRP A 127 13.06 28.44 23.87
C TRP A 127 14.44 28.60 23.26
N VAL A 128 15.15 29.66 23.64
CA VAL A 128 16.51 29.92 23.17
C VAL A 128 17.41 30.07 24.39
N GLY A 129 18.49 29.27 24.42
CA GLY A 129 19.41 29.33 25.54
C GLY A 129 20.16 30.65 25.56
N ASN A 130 20.14 31.33 26.72
CA ASN A 130 20.83 32.60 26.85
C ASN A 130 22.34 32.45 26.89
N SER A 131 22.86 31.25 27.10
CA SER A 131 24.30 31.05 27.25
C SER A 131 24.96 30.36 26.05
N ASN A 132 24.25 29.47 25.36
CA ASN A 132 24.83 28.79 24.21
C ASN A 132 23.96 28.88 22.96
N GLY A 133 22.79 29.52 23.05
CA GLY A 133 21.92 29.68 21.91
C GLY A 133 21.15 28.46 21.48
N ASP A 134 21.29 27.33 22.18
CA ASP A 134 20.54 26.13 21.83
CA ASP A 134 20.54 26.13 21.81
C ASP A 134 19.05 26.41 21.88
N ASP A 135 18.36 26.15 20.77
CA ASP A 135 16.96 26.51 20.62
C ASP A 135 16.10 25.28 20.33
N PHE A 136 14.87 25.29 20.88
CA PHE A 136 13.94 24.18 20.71
C PHE A 136 12.53 24.71 20.96
N TRP A 137 11.53 23.83 20.80
CA TRP A 137 10.14 24.22 20.97
C TRP A 137 9.46 23.36 22.02
N LEU A 138 8.50 23.96 22.72
CA LEU A 138 7.71 23.28 23.74
C LEU A 138 6.24 23.51 23.44
N LEU A 139 5.47 22.43 23.31
CA LEU A 139 4.07 22.49 22.95
C LEU A 139 3.20 21.82 23.99
N HIS A 140 2.22 22.55 24.52
CA HIS A 140 1.20 22.00 25.40
C HIS A 140 -0.09 21.97 24.60
N ASP A 141 -0.44 20.80 24.07
CA ASP A 141 -1.51 20.71 23.10
C ASP A 141 -2.88 20.65 23.78
N SER A 142 -3.91 20.67 22.95
CA SER A 142 -5.30 20.72 23.42
C SER A 142 -5.71 19.50 24.24
N ASN A 143 -4.89 18.45 24.28
CA ASN A 143 -5.20 17.25 25.04
C ASN A 143 -4.39 17.14 26.33
N GLY A 144 -3.65 18.19 26.69
CA GLY A 144 -2.89 18.19 27.92
C GLY A 144 -1.54 17.50 27.84
N ILE A 145 -1.13 17.06 26.66
CA ILE A 145 0.15 16.39 26.49
C ILE A 145 1.23 17.45 26.25
N LEU A 146 2.39 17.26 26.86
CA LEU A 146 3.49 18.21 26.76
C LEU A 146 4.58 17.61 25.88
N HIS A 147 5.01 18.37 24.87
CA HIS A 147 5.95 17.90 23.86
C HIS A 147 7.17 18.80 23.83
N LEU A 148 8.34 18.19 23.86
CA LEU A 148 9.59 18.85 23.50
C LEU A 148 9.92 18.44 22.06
N LEU A 149 10.10 19.46 21.20
CA LEU A 149 10.46 19.27 19.81
C LEU A 149 11.84 19.88 19.57
N GLY A 150 12.75 19.08 19.04
CA GLY A 150 14.08 19.53 18.69
C GLY A 150 14.94 19.93 19.88
N THR A 152 17.35 18.23 21.26
CA THR A 152 18.75 17.95 20.91
C THR A 152 18.97 18.12 19.42
N ALA A 153 20.24 18.28 19.03
CA ALA A 153 20.57 18.43 17.62
C ALA A 153 20.21 17.19 16.81
N ALA A 154 20.13 16.02 17.47
CA ALA A 154 19.76 14.81 16.75
C ALA A 154 18.34 14.87 16.23
N ALA A 155 17.47 15.64 16.90
CA ALA A 155 16.09 15.82 16.48
C ALA A 155 15.87 17.15 15.77
N ARG A 156 16.90 17.69 15.13
CA ARG A 156 16.82 18.95 14.41
C ARG A 156 17.35 18.78 12.99
N LEU A 157 16.58 19.25 12.02
CA LEU A 157 17.01 19.31 10.63
C LEU A 157 17.69 20.66 10.45
N SER A 158 19.02 20.66 10.39
CA SER A 158 19.79 21.89 10.44
C SER A 158 20.83 21.95 9.34
N ASP A 159 21.23 23.18 9.01
CA ASP A 159 22.31 23.42 8.07
C ASP A 159 23.58 22.72 8.55
N PRO A 160 24.16 21.81 7.77
CA PRO A 160 25.40 21.15 8.21
C PRO A 160 26.55 22.09 8.47
N GLN A 161 26.58 23.25 7.81
CA GLN A 161 27.63 24.22 8.02
C GLN A 161 27.27 25.28 9.07
N ALA A 162 26.10 25.19 9.68
CA ALA A 162 25.66 26.17 10.67
C ALA A 162 24.57 25.51 11.52
N ALA A 163 25.00 24.87 12.61
CA ALA A 163 24.09 24.10 13.46
C ALA A 163 23.01 24.96 14.08
N SER A 164 23.25 26.27 14.24
CA SER A 164 22.23 27.14 14.79
C SER A 164 21.13 27.45 13.79
N HIS A 165 21.30 27.10 12.52
CA HIS A 165 20.29 27.33 11.49
C HIS A 165 19.44 26.06 11.38
N THR A 166 18.36 26.01 12.15
CA THR A 166 17.47 24.85 12.14
C THR A 166 16.22 25.18 11.34
N ALA A 167 15.91 24.31 10.38
CA ALA A 167 14.71 24.42 9.56
C ALA A 167 13.52 23.67 10.17
N GLN A 168 13.79 22.58 10.88
CA GLN A 168 12.73 21.73 11.44
C GLN A 168 13.14 21.24 12.81
N TRP A 169 12.29 21.46 13.80
CA TRP A 169 12.41 20.86 15.12
C TRP A 169 11.43 19.70 15.18
N LEU A 170 11.97 18.48 15.27
CA LEU A 170 11.15 17.27 15.28
C LEU A 170 10.77 16.90 16.70
N VAL A 171 9.55 16.39 16.87
CA VAL A 171 9.10 16.02 18.21
C VAL A 171 10.03 14.96 18.77
N GLU A 172 10.53 15.21 19.98
CA GLU A 172 11.52 14.36 20.60
C GLU A 172 11.03 13.69 21.85
N GLU A 173 10.16 14.32 22.62
CA GLU A 173 9.60 13.63 23.79
C GLU A 173 8.21 14.17 24.09
N SER A 174 7.30 13.27 24.47
CA SER A 174 5.95 13.63 24.87
C SER A 174 5.66 13.01 26.22
N VAL A 175 4.91 13.73 27.05
CA VAL A 175 4.55 13.26 28.38
C VAL A 175 3.09 13.63 28.66
N THR A 176 2.37 12.70 29.27
CA THR A 176 1.00 12.91 29.72
C THR A 176 0.99 13.45 31.14
N PRO A 177 -0.14 13.99 31.60
CA PRO A 177 -0.25 14.36 33.02
C PRO A 177 -0.03 13.20 33.97
N ALA A 178 -0.23 11.97 33.52
CA ALA A 178 -0.05 10.79 34.38
C ALA A 178 1.38 10.30 34.43
N GLY A 179 2.30 10.93 33.69
CA GLY A 179 3.69 10.53 33.72
C GLY A 179 4.10 9.50 32.70
N GLU A 180 3.32 9.30 31.65
CA GLU A 180 3.66 8.38 30.57
C GLU A 180 4.41 9.12 29.47
N HIS A 181 5.47 8.50 28.97
CA HIS A 181 6.37 9.15 28.02
C HIS A 181 6.41 8.43 26.68
N ILE A 182 6.75 9.20 25.66
CA ILE A 182 7.14 8.68 24.35
C ILE A 182 8.41 9.42 23.93
N TYR A 183 9.43 8.66 23.54
CA TYR A 183 10.72 9.21 23.17
C TYR A 183 11.06 8.83 21.73
N TYR A 184 11.36 9.83 20.91
CA TYR A 184 11.64 9.64 19.49
C TYR A 184 13.14 9.78 19.24
N SER A 185 13.72 8.82 18.52
CA SER A 185 15.12 8.86 18.14
C SER A 185 15.23 8.98 16.62
N TYR A 186 16.18 9.78 16.16
CA TYR A 186 16.39 9.99 14.74
C TYR A 186 17.84 9.71 14.38
N LEU A 187 18.05 9.23 13.16
CA LEU A 187 19.37 8.95 12.62
C LEU A 187 19.74 9.99 11.58
N ALA A 188 20.97 10.50 11.67
CA ALA A 188 21.48 11.43 10.68
C ALA A 188 21.93 10.69 9.41
N GLU A 189 21.61 11.27 8.26
CA GLU A 189 22.06 10.70 7.00
C GLU A 189 23.59 10.74 6.92
N ASN A 190 24.16 9.75 6.24
CA ASN A 190 25.61 9.67 6.06
C ASN A 190 25.88 9.09 4.68
N GLY A 191 27.11 8.65 4.44
CA GLY A 191 27.50 8.16 3.14
C GLY A 191 27.69 6.66 3.06
N ASP A 192 27.16 5.92 4.03
CA ASP A 192 27.29 4.47 4.03
C ASP A 192 26.73 3.88 2.74
N ASN A 193 27.53 3.04 2.09
CA ASN A 193 27.16 2.32 0.87
C ASN A 193 26.89 3.27 -0.30
N VAL A 194 27.43 4.48 -0.26
CA VAL A 194 27.26 5.46 -1.32
C VAL A 194 28.59 5.65 -2.02
N ASP A 195 28.60 5.54 -3.34
CA ASP A 195 29.78 5.84 -4.14
C ASP A 195 29.99 7.35 -4.17
N LEU A 196 31.03 7.82 -3.49
CA LEU A 196 31.25 9.24 -3.28
C LEU A 196 31.93 9.92 -4.47
N ASN A 197 31.95 9.29 -5.64
CA ASN A 197 32.56 9.87 -6.83
C ASN A 197 31.50 10.50 -7.72
N GLY A 198 31.97 11.33 -8.66
CA GLY A 198 31.10 11.89 -9.68
C GLY A 198 30.00 12.76 -9.09
N ASN A 199 28.75 12.33 -9.30
CA ASN A 199 27.60 13.13 -8.90
C ASN A 199 27.47 13.27 -7.40
N GLU A 200 28.10 12.40 -6.63
CA GLU A 200 28.02 12.44 -5.18
C GLU A 200 29.20 13.15 -4.53
N ALA A 201 30.17 13.60 -5.33
CA ALA A 201 31.35 14.23 -4.78
C ALA A 201 31.02 15.64 -4.28
N GLY A 202 31.60 15.99 -3.13
CA GLY A 202 31.45 17.32 -2.60
C GLY A 202 30.06 17.70 -2.15
N ARG A 203 29.20 16.71 -1.89
CA ARG A 203 27.85 16.94 -1.41
C ARG A 203 27.85 16.69 0.10
N ASP A 204 27.33 17.65 0.86
CA ASP A 204 27.16 17.47 2.29
C ASP A 204 25.81 16.80 2.54
N ARG A 205 25.85 15.57 3.02
CA ARG A 205 24.66 14.73 3.09
C ARG A 205 24.22 14.43 4.53
N SER A 206 24.75 15.14 5.52
CA SER A 206 24.49 14.80 6.90
C SER A 206 23.27 15.52 7.49
N ALA A 207 22.57 16.33 6.69
CA ALA A 207 21.51 17.16 7.25
C ALA A 207 20.25 16.35 7.56
N MET A 208 19.91 15.39 6.71
CA MET A 208 18.62 14.70 6.82
C MET A 208 18.53 13.91 8.12
N ARG A 209 17.31 13.84 8.66
CA ARG A 209 17.01 13.08 9.88
C ARG A 209 15.93 12.06 9.55
N TYR A 210 16.22 10.79 9.79
CA TYR A 210 15.25 9.72 9.59
C TYR A 210 14.72 9.25 10.93
N LEU A 211 13.40 9.05 11.00
CA LEU A 211 12.82 8.44 12.19
C LEU A 211 13.34 7.03 12.35
N SER A 212 13.86 6.73 13.54
CA SER A 212 14.55 5.47 13.77
C SER A 212 13.87 4.60 14.84
N VAL A 214 10.88 4.71 18.16
CA VAL A 214 9.91 5.31 19.05
C VAL A 214 9.77 4.43 20.27
N GLN A 215 10.29 4.90 21.40
CA GLN A 215 10.27 4.15 22.66
C GLN A 215 9.21 4.74 23.58
N TYR A 216 8.38 3.86 24.15
CA TYR A 216 7.30 4.29 25.02
C TYR A 216 7.02 3.18 26.02
N GLY A 217 6.04 3.43 26.90
CA GLY A 217 5.74 2.50 27.96
C GLY A 217 6.84 2.46 29.00
N ASN A 218 7.17 3.61 29.56
CA ASN A 218 8.19 3.66 30.61
C ASN A 218 7.73 2.86 31.82
N ALA A 219 8.69 2.16 32.43
CA ALA A 219 8.36 1.24 33.53
C ALA A 219 7.70 1.97 34.70
N THR A 220 8.29 3.10 35.13
CA THR A 220 7.74 3.83 36.25
C THR A 220 7.37 5.25 35.83
N PRO A 221 6.26 5.79 36.34
CA PRO A 221 5.81 7.12 35.93
C PRO A 221 6.79 8.21 36.37
N ALA A 222 6.92 9.22 35.52
CA ALA A 222 7.73 10.39 35.81
C ALA A 222 7.04 11.63 35.26
N ALA A 223 6.86 12.64 36.11
CA ALA A 223 6.09 13.81 35.71
C ALA A 223 6.87 14.72 34.78
N ASP A 224 8.17 14.85 34.99
CA ASP A 224 8.99 15.77 34.20
C ASP A 224 9.49 15.10 32.92
N LEU A 225 9.58 15.88 31.86
CA LEU A 225 10.18 15.40 30.62
C LEU A 225 11.64 15.04 30.88
N TYR A 226 12.03 13.84 30.46
CA TYR A 226 13.41 13.39 30.69
C TYR A 226 14.42 14.33 30.04
N LEU A 227 14.09 14.87 28.86
CA LEU A 227 15.04 15.67 28.11
C LEU A 227 15.30 17.03 28.75
N TRP A 228 14.56 17.40 29.79
CA TRP A 228 14.94 18.57 30.59
C TRP A 228 16.30 18.36 31.24
N THR A 229 16.57 17.14 31.70
CA THR A 229 17.75 16.84 32.49
C THR A 229 18.93 16.36 31.65
N SER A 230 18.70 15.41 30.75
CA SER A 230 19.78 14.76 30.02
C SER A 230 19.50 14.79 28.53
N ALA A 231 20.55 14.48 27.76
CA ALA A 231 20.41 14.42 26.31
C ALA A 231 19.77 13.13 25.86
N THR A 232 19.90 12.05 26.64
CA THR A 232 19.27 10.78 26.33
C THR A 232 18.65 10.24 27.61
N PRO A 233 17.37 9.89 27.59
CA PRO A 233 16.73 9.37 28.82
C PRO A 233 17.31 8.02 29.22
N ALA A 234 17.65 7.89 30.50
CA ALA A 234 18.13 6.62 31.06
C ALA A 234 17.00 5.98 31.86
N VAL A 235 16.04 5.39 31.15
CA VAL A 235 14.89 4.74 31.75
C VAL A 235 14.66 3.40 31.04
N GLN A 236 13.85 2.55 31.68
CA GLN A 236 13.49 1.27 31.12
C GLN A 236 12.22 1.42 30.28
N TRP A 237 12.32 1.12 28.99
CA TRP A 237 11.18 1.13 28.09
C TRP A 237 10.67 -0.28 27.89
N LEU A 238 9.35 -0.43 27.82
CA LEU A 238 8.74 -1.71 27.54
C LEU A 238 8.49 -1.95 26.05
N PHE A 239 8.37 -0.89 25.25
CA PHE A 239 7.98 -1.00 23.86
C PHE A 239 8.92 -0.17 22.99
N THR A 240 9.31 -0.72 21.84
CA THR A 240 10.15 -0.01 20.88
C THR A 240 9.61 -0.24 19.47
N LEU A 241 9.20 0.84 18.82
CA LEU A 241 8.84 0.80 17.41
C LEU A 241 10.06 1.22 16.59
N VAL A 242 10.57 0.30 15.77
CA VAL A 242 11.81 0.51 15.04
C VAL A 242 11.49 0.72 13.56
N PHE A 243 12.00 1.81 12.99
CA PHE A 243 11.93 2.05 11.55
C PHE A 243 13.28 1.68 10.96
N ASP A 244 13.33 0.62 10.15
CA ASP A 244 14.57 0.08 9.62
C ASP A 244 14.66 0.36 8.12
N TYR A 245 15.86 0.78 7.71
CA TYR A 245 16.17 1.21 6.35
C TYR A 245 17.10 0.23 5.65
N GLY A 246 17.01 -1.05 6.01
CA GLY A 246 17.81 -2.10 5.40
C GLY A 246 18.96 -2.61 6.24
N GLU A 247 19.24 -1.99 7.40
CA GLU A 247 20.37 -2.42 8.20
C GLU A 247 20.17 -3.82 8.78
N ARG A 248 18.92 -4.21 9.04
CA ARG A 248 18.63 -5.50 9.66
C ARG A 248 18.34 -6.61 8.65
N GLY A 249 18.34 -6.30 7.36
CA GLY A 249 18.01 -7.31 6.36
C GLY A 249 16.53 -7.33 6.00
N VAL A 250 16.22 -7.57 4.73
CA VAL A 250 14.84 -7.54 4.24
C VAL A 250 14.38 -8.91 3.81
N ASP A 251 15.12 -9.96 4.14
CA ASP A 251 14.73 -11.32 3.79
C ASP A 251 13.53 -11.73 4.64
N PRO A 252 12.39 -12.08 4.05
CA PRO A 252 11.25 -12.50 4.87
C PRO A 252 11.49 -13.80 5.62
N GLN A 253 12.49 -14.60 5.22
CA GLN A 253 12.78 -15.84 5.92
C GLN A 253 13.61 -15.62 7.18
N VAL A 254 14.43 -14.59 7.21
CA VAL A 254 15.33 -14.33 8.32
C VAL A 254 14.73 -13.22 9.19
N PRO A 255 14.45 -13.48 10.47
CA PRO A 255 13.90 -12.43 11.34
C PRO A 255 14.95 -11.38 11.65
N PRO A 256 14.57 -10.10 11.68
CA PRO A 256 15.54 -9.04 11.96
C PRO A 256 15.82 -8.87 13.45
N ALA A 257 17.10 -8.71 13.77
CA ALA A 257 17.56 -8.52 15.15
C ALA A 257 17.27 -7.10 15.61
N PHE A 258 17.23 -6.93 16.94
CA PHE A 258 16.95 -5.61 17.50
C PHE A 258 18.06 -4.61 17.18
N THR A 259 19.32 -5.02 17.32
CA THR A 259 20.45 -4.15 17.05
C THR A 259 21.00 -4.45 15.67
N ALA A 260 21.18 -3.40 14.87
CA ALA A 260 21.62 -3.57 13.49
C ALA A 260 23.09 -3.96 13.45
N GLN A 261 23.41 -4.98 12.66
CA GLN A 261 24.79 -5.40 12.43
C GLN A 261 25.40 -4.82 11.17
N ASN A 262 24.59 -4.34 10.24
CA ASN A 262 25.05 -3.80 8.97
C ASN A 262 24.65 -2.34 8.82
N SER A 263 25.15 -1.72 7.77
CA SER A 263 24.81 -0.34 7.45
C SER A 263 23.57 -0.31 6.56
N TRP A 264 22.86 0.82 6.59
CA TRP A 264 21.62 0.92 5.84
C TRP A 264 21.88 0.98 4.34
N LEU A 265 20.89 0.56 3.57
CA LEU A 265 21.03 0.47 2.13
C LEU A 265 20.98 1.85 1.49
N ALA A 266 21.60 1.96 0.32
CA ALA A 266 21.56 3.17 -0.48
C ALA A 266 20.55 2.98 -1.60
N ARG A 267 19.62 3.92 -1.72
CA ARG A 267 18.54 3.78 -2.70
C ARG A 267 19.04 4.10 -4.11
N GLN A 268 18.27 3.64 -5.09
CA GLN A 268 18.62 3.86 -6.48
C GLN A 268 18.24 5.25 -6.98
N ASP A 269 17.36 5.95 -6.27
CA ASP A 269 16.84 7.25 -6.71
C ASP A 269 17.13 8.34 -5.68
N PRO A 270 18.40 8.62 -5.37
CA PRO A 270 18.69 9.67 -4.39
C PRO A 270 18.37 11.04 -4.96
N PHE A 271 18.01 11.96 -4.07
CA PHE A 271 17.66 13.31 -4.50
C PHE A 271 17.97 14.28 -3.38
N SER A 272 18.01 15.57 -3.74
CA SER A 272 18.33 16.63 -2.79
C SER A 272 17.25 17.69 -2.79
N LEU A 273 17.04 18.29 -1.62
CA LEU A 273 16.07 19.36 -1.39
C LEU A 273 16.83 20.61 -0.95
N TYR A 274 16.35 21.77 -1.41
CA TYR A 274 17.07 23.02 -1.20
C TYR A 274 16.23 24.20 -0.75
N ASN A 275 14.94 24.04 -0.48
CA ASN A 275 14.15 25.25 -0.19
C ASN A 275 14.43 25.83 1.19
N TYR A 276 15.22 25.17 2.03
CA TYR A 276 15.60 25.73 3.32
C TYR A 276 16.91 26.52 3.28
N GLY A 277 17.59 26.57 2.15
CA GLY A 277 18.84 27.30 2.05
C GLY A 277 20.09 26.46 2.23
N PHE A 278 19.94 25.16 2.42
CA PHE A 278 21.07 24.24 2.45
C PHE A 278 20.61 22.91 1.88
N GLU A 279 21.58 22.07 1.53
CA GLU A 279 21.27 20.81 0.87
C GLU A 279 20.77 19.79 1.89
N ILE A 280 19.70 19.09 1.53
CA ILE A 280 19.18 17.97 2.29
C ILE A 280 19.07 16.80 1.31
N ARG A 281 20.00 15.86 1.41
CA ARG A 281 20.06 14.73 0.48
C ARG A 281 19.51 13.49 1.14
N LEU A 282 18.74 12.70 0.38
CA LEU A 282 18.13 11.47 0.89
C LEU A 282 18.70 10.27 0.14
N HIS A 283 19.31 9.36 0.89
CA HIS A 283 19.85 8.13 0.33
C HIS A 283 19.10 6.89 0.81
N ARG A 284 18.16 7.04 1.72
CA ARG A 284 17.59 5.90 2.43
C ARG A 284 16.12 5.71 2.10
N LEU A 285 15.68 4.45 2.20
CA LEU A 285 14.28 4.06 2.10
C LEU A 285 13.96 3.19 3.31
N CYS A 286 12.87 3.50 3.99
CA CYS A 286 12.44 2.64 5.08
C CYS A 286 11.96 1.31 4.52
N ARG A 287 12.63 0.23 4.88
CA ARG A 287 12.28 -1.09 4.37
C ARG A 287 11.31 -1.82 5.27
N GLN A 288 11.29 -1.52 6.57
CA GLN A 288 10.39 -2.26 7.46
C GLN A 288 10.13 -1.48 8.73
N VAL A 289 9.02 -1.81 9.37
CA VAL A 289 8.64 -1.26 10.67
C VAL A 289 8.44 -2.43 11.63
N LEU A 290 9.22 -2.46 12.69
CA LEU A 290 9.27 -3.60 13.61
C LEU A 290 8.73 -3.19 14.98
N MET A 291 8.01 -4.10 15.63
CA MET A 291 7.51 -3.87 16.97
C MET A 291 8.23 -4.79 17.95
N PHE A 292 8.90 -4.21 18.95
CA PHE A 292 9.65 -4.96 19.94
C PHE A 292 9.08 -4.72 21.33
N HIS A 293 9.00 -5.78 22.12
CA HIS A 293 8.68 -5.70 23.53
C HIS A 293 9.93 -6.00 24.36
N HIS A 294 9.97 -5.45 25.57
CA HIS A 294 11.14 -5.56 26.44
C HIS A 294 10.68 -6.02 27.83
N PHE A 295 10.44 -7.31 27.96
CA PHE A 295 10.02 -7.94 29.22
C PHE A 295 11.01 -9.05 29.55
N PRO A 296 12.24 -8.70 29.95
CA PRO A 296 13.28 -9.71 30.14
C PRO A 296 12.97 -10.72 31.24
N ASP A 297 12.28 -10.30 32.31
CA ASP A 297 12.04 -11.21 33.42
C ASP A 297 11.02 -12.29 33.05
N GLU A 298 9.94 -11.89 32.39
CA GLU A 298 8.85 -12.79 32.05
C GLU A 298 9.03 -13.46 30.70
N LEU A 299 10.12 -13.16 29.98
CA LEU A 299 10.36 -13.77 28.68
C LEU A 299 11.79 -14.27 28.49
N GLY A 300 12.72 -13.94 29.37
CA GLY A 300 14.07 -14.48 29.27
C GLY A 300 14.93 -13.88 28.20
N GLU A 301 14.57 -12.72 27.64
CA GLU A 301 15.38 -12.07 26.64
C GLU A 301 15.12 -10.57 26.69
N ALA A 302 16.14 -9.79 26.35
CA ALA A 302 16.01 -8.33 26.42
C ALA A 302 15.02 -7.80 25.40
N ASP A 303 15.02 -8.37 24.19
CA ASP A 303 14.24 -7.84 23.08
C ASP A 303 13.45 -8.95 22.42
N THR A 304 12.13 -8.73 22.26
CA THR A 304 11.23 -9.74 21.69
C THR A 304 10.48 -9.11 20.51
N LEU A 305 10.76 -9.61 19.31
CA LEU A 305 10.05 -9.15 18.13
C LEU A 305 8.66 -9.77 18.09
N VAL A 306 7.63 -8.93 17.95
CA VAL A 306 6.26 -9.39 17.95
C VAL A 306 5.59 -9.19 16.59
N SER A 307 6.00 -8.19 15.82
CA SER A 307 5.38 -7.94 14.53
C SER A 307 6.38 -7.27 13.60
N ARG A 308 6.31 -7.64 12.32
CA ARG A 308 7.23 -7.12 11.31
C ARG A 308 6.42 -6.66 10.10
N LEU A 309 6.31 -5.36 9.90
CA LEU A 309 5.69 -4.82 8.69
C LEU A 309 6.78 -4.69 7.64
N LEU A 310 6.72 -5.55 6.62
CA LEU A 310 7.70 -5.60 5.55
C LEU A 310 7.12 -4.91 4.32
N LEU A 311 7.89 -3.97 3.78
CA LEU A 311 7.52 -3.16 2.64
C LEU A 311 8.32 -3.60 1.42
N GLU A 312 7.63 -3.78 0.31
CA GLU A 312 8.26 -4.11 -0.97
C GLU A 312 8.10 -2.93 -1.91
N TYR A 313 9.19 -2.57 -2.57
CA TYR A 313 9.27 -1.39 -3.43
C TYR A 313 9.61 -1.79 -4.85
N ASP A 314 9.12 -0.99 -5.80
CA ASP A 314 9.64 -1.01 -7.16
C ASP A 314 10.78 0.01 -7.19
N GLU A 315 12.02 -0.47 -7.18
CA GLU A 315 13.18 0.41 -7.15
C GLU A 315 13.75 0.58 -8.54
N ASN A 316 14.00 1.83 -8.92
CA ASN A 316 14.67 2.16 -10.16
C ASN A 316 15.31 3.53 -10.00
N PRO A 317 16.24 3.90 -10.88
CA PRO A 317 16.91 5.19 -10.70
C PRO A 317 16.00 6.40 -10.90
N ILE A 318 14.85 6.25 -11.57
CA ILE A 318 13.96 7.39 -11.78
C ILE A 318 13.10 7.64 -10.55
N LEU A 319 12.39 6.62 -10.08
CA LEU A 319 11.52 6.76 -8.92
C LEU A 319 11.41 5.42 -8.22
N THR A 320 11.27 5.47 -6.90
CA THR A 320 10.94 4.29 -6.11
C THR A 320 9.48 4.39 -5.69
N GLN A 321 8.73 3.31 -5.93
CA GLN A 321 7.31 3.27 -5.61
C GLN A 321 7.02 2.04 -4.75
N LEU A 322 6.31 2.24 -3.66
CA LEU A 322 5.90 1.12 -2.82
C LEU A 322 4.90 0.26 -3.58
N CYS A 323 5.15 -1.04 -3.62
CA CYS A 323 4.26 -1.94 -4.34
C CYS A 323 3.56 -2.95 -3.46
N ALA A 324 4.12 -3.30 -2.29
CA ALA A 324 3.44 -4.28 -1.46
C ALA A 324 3.80 -4.08 0.00
N ALA A 325 2.96 -4.63 0.89
CA ALA A 325 3.23 -4.57 2.31
C ALA A 325 2.51 -5.73 3.00
N ARG A 326 3.16 -6.30 4.01
CA ARG A 326 2.50 -7.32 4.82
C ARG A 326 3.18 -7.43 6.18
N THR A 327 2.45 -7.95 7.16
CA THR A 327 2.95 -8.07 8.53
C THR A 327 3.20 -9.54 8.84
N LEU A 328 4.47 -9.89 9.02
CA LEU A 328 4.91 -11.22 9.39
C LEU A 328 5.09 -11.36 10.90
N ALA A 329 4.88 -12.58 11.37
CA ALA A 329 5.15 -13.01 12.74
C ALA A 329 6.05 -14.24 12.69
N TYR A 330 6.93 -14.38 13.68
CA TYR A 330 7.91 -15.48 13.73
C TYR A 330 7.75 -16.18 15.07
N GLU A 331 6.79 -17.07 15.17
CA GLU A 331 6.53 -17.81 16.40
C GLU A 331 7.03 -19.25 16.37
N GLY B 12 11.48 -16.98 -15.45
CA GLY B 12 10.24 -17.18 -14.72
C GLY B 12 9.26 -18.10 -15.43
N LEU B 13 9.79 -19.16 -16.03
CA LEU B 13 8.95 -20.13 -16.75
C LEU B 13 8.38 -21.15 -15.77
N ALA B 14 7.20 -21.68 -16.12
CA ALA B 14 6.52 -22.65 -15.27
C ALA B 14 7.21 -24.00 -15.36
N SER B 15 7.46 -24.61 -14.20
CA SER B 15 8.12 -25.91 -14.14
C SER B 15 7.24 -27.03 -13.62
N ILE B 16 6.05 -26.73 -13.10
CA ILE B 16 5.07 -27.74 -12.72
C ILE B 16 3.71 -27.32 -13.24
N THR B 17 2.95 -28.30 -13.74
CA THR B 17 1.56 -28.11 -14.12
C THR B 17 0.68 -29.04 -13.31
N LEU B 18 -0.34 -28.48 -12.68
CA LEU B 18 -1.37 -29.24 -11.98
C LEU B 18 -2.69 -29.06 -12.74
N PRO B 19 -3.22 -30.11 -13.36
CA PRO B 19 -4.40 -29.93 -14.21
C PRO B 19 -5.67 -29.70 -13.42
N LEU B 20 -6.58 -28.91 -14.01
CA LEU B 20 -7.90 -28.71 -13.44
C LEU B 20 -8.89 -29.70 -14.03
N PRO B 21 -9.93 -30.09 -13.28
CA PRO B 21 -10.87 -31.09 -13.80
C PRO B 21 -11.90 -30.49 -14.75
N ILE B 22 -11.43 -30.00 -15.88
CA ILE B 22 -12.27 -29.32 -16.85
C ILE B 22 -12.83 -30.31 -17.85
N SER B 23 -14.15 -30.40 -17.92
CA SER B 23 -14.80 -31.16 -18.98
C SER B 23 -14.59 -30.42 -20.30
N ALA B 24 -13.83 -31.03 -21.23
CA ALA B 24 -13.43 -30.35 -22.45
C ALA B 24 -13.64 -31.23 -23.68
N GLU B 25 -14.57 -32.18 -23.61
CA GLU B 25 -14.86 -33.05 -24.73
C GLU B 25 -15.85 -32.45 -25.71
N ARG B 26 -16.60 -31.41 -25.31
CA ARG B 26 -17.64 -30.80 -26.13
C ARG B 26 -17.19 -29.47 -26.72
N GLY B 27 -15.94 -29.35 -27.16
CA GLY B 27 -15.52 -28.20 -27.97
C GLY B 27 -15.03 -27.04 -27.11
N PHE B 28 -15.79 -25.94 -27.12
CA PHE B 28 -15.33 -24.66 -26.59
C PHE B 28 -15.38 -24.67 -25.07
N ALA B 29 -14.23 -24.88 -24.44
CA ALA B 29 -14.09 -24.94 -22.99
C ALA B 29 -12.92 -24.07 -22.56
N PRO B 30 -12.93 -23.58 -21.32
CA PRO B 30 -11.76 -22.85 -20.82
C PRO B 30 -10.53 -23.74 -20.82
N ALA B 31 -9.38 -23.13 -21.11
CA ALA B 31 -8.08 -23.79 -21.06
C ALA B 31 -7.30 -23.18 -19.90
N LEU B 32 -7.47 -23.76 -18.72
CA LEU B 32 -6.84 -23.27 -17.50
C LEU B 32 -6.15 -24.43 -16.78
N ALA B 33 -5.04 -24.11 -16.13
CA ALA B 33 -4.32 -25.08 -15.32
C ALA B 33 -3.57 -24.31 -14.23
N LEU B 34 -3.18 -25.02 -13.17
CA LEU B 34 -2.34 -24.43 -12.14
C LEU B 34 -0.89 -24.58 -12.57
N HIS B 35 -0.13 -23.49 -12.49
CA HIS B 35 1.27 -23.47 -12.88
C HIS B 35 2.13 -23.05 -11.70
N TYR B 36 3.27 -23.71 -11.53
CA TYR B 36 4.23 -23.36 -10.50
C TYR B 36 5.47 -22.75 -11.13
N SER B 37 5.91 -21.63 -10.58
CA SER B 37 7.16 -20.98 -10.95
C SER B 37 7.96 -20.70 -9.69
N SER B 38 9.21 -21.14 -9.64
CA SER B 38 10.02 -20.94 -8.44
C SER B 38 10.24 -19.47 -8.13
N GLY B 39 10.13 -18.59 -9.12
CA GLY B 39 10.23 -17.17 -8.91
C GLY B 39 8.92 -16.45 -8.68
N GLY B 40 7.81 -17.17 -8.66
CA GLY B 40 6.51 -16.54 -8.50
C GLY B 40 6.26 -16.05 -7.09
N GLY B 41 5.53 -14.95 -7.00
CA GLY B 41 5.16 -14.36 -5.72
C GLY B 41 3.87 -14.95 -5.16
N ASN B 42 3.29 -14.22 -4.22
CA ASN B 42 2.09 -14.69 -3.55
C ASN B 42 0.84 -14.32 -4.34
N GLY B 43 -0.27 -14.99 -4.02
CA GLY B 43 -1.53 -14.76 -4.67
C GLY B 43 -2.59 -15.70 -4.15
N PRO B 44 -3.68 -15.87 -4.91
CA PRO B 44 -4.80 -16.70 -4.44
C PRO B 44 -4.46 -18.17 -4.26
N PHE B 45 -3.30 -18.63 -4.73
CA PHE B 45 -2.87 -20.01 -4.54
C PHE B 45 -1.58 -20.10 -3.74
N GLY B 46 -1.27 -19.07 -2.96
CA GLY B 46 -0.04 -19.06 -2.20
C GLY B 46 1.15 -18.70 -3.06
N VAL B 47 2.33 -18.86 -2.48
CA VAL B 47 3.57 -18.48 -3.15
C VAL B 47 3.87 -19.46 -4.27
N GLY B 48 4.25 -18.93 -5.44
CA GLY B 48 4.76 -19.72 -6.53
C GLY B 48 3.73 -20.27 -7.50
N TRP B 49 2.50 -20.49 -7.04
CA TRP B 49 1.46 -21.06 -7.89
C TRP B 49 0.53 -19.97 -8.41
N SER B 50 0.02 -20.17 -9.62
CA SER B 50 -0.90 -19.20 -10.20
C SER B 50 -1.83 -19.90 -11.17
N CYS B 51 -3.04 -19.36 -11.28
CA CYS B 51 -4.00 -19.76 -12.30
C CYS B 51 -4.85 -18.51 -12.58
N ALA B 52 -4.40 -17.71 -13.53
CA ALA B 52 -5.01 -16.43 -13.83
C ALA B 52 -5.63 -16.44 -15.22
N THR B 53 -6.70 -15.66 -15.37
CA THR B 53 -7.37 -15.49 -16.64
C THR B 53 -6.75 -14.34 -17.42
N MET B 54 -7.09 -14.28 -18.71
CA MET B 54 -6.60 -13.21 -19.57
C MET B 54 -7.09 -11.86 -19.08
N SER B 55 -6.27 -10.83 -19.28
CA SER B 55 -6.61 -9.50 -18.80
C SER B 55 -5.89 -8.44 -19.61
N ILE B 56 -6.45 -7.23 -19.57
CA ILE B 56 -5.76 -6.01 -19.98
C ILE B 56 -5.45 -5.23 -18.72
N ALA B 57 -4.28 -4.60 -18.67
CA ALA B 57 -3.86 -3.91 -17.46
C ALA B 57 -3.16 -2.61 -17.80
N ARG B 58 -3.23 -1.66 -16.88
CA ARG B 58 -2.43 -0.44 -16.99
C ARG B 58 -1.01 -0.71 -16.52
N ARG B 59 -0.05 -0.14 -17.25
CA ARG B 59 1.35 -0.31 -16.90
C ARG B 59 1.67 0.42 -15.60
N THR B 60 2.57 -0.14 -14.81
CA THR B 60 3.02 0.47 -13.57
C THR B 60 4.51 0.70 -13.49
N SER B 61 5.30 0.11 -14.39
CA SER B 61 6.76 0.19 -14.30
C SER B 61 7.23 1.64 -14.29
N HIS B 62 6.56 2.52 -15.04
CA HIS B 62 6.94 3.92 -15.14
C HIS B 62 6.12 4.82 -14.21
N GLY B 63 5.78 4.34 -13.03
CA GLY B 63 5.04 5.15 -12.08
C GLY B 63 3.60 4.69 -11.96
N VAL B 64 2.98 5.11 -10.85
CA VAL B 64 1.55 4.80 -10.64
C VAL B 64 0.74 5.37 -11.81
N PRO B 65 -0.21 4.61 -12.36
CA PRO B 65 -0.99 5.13 -13.49
C PRO B 65 -1.70 6.43 -13.14
N GLN B 66 -1.89 7.25 -14.17
CA GLN B 66 -2.56 8.54 -14.00
C GLN B 66 -4.04 8.46 -14.34
N TYR B 67 -4.50 7.32 -14.88
CA TYR B 67 -5.90 7.08 -15.22
C TYR B 67 -6.42 8.13 -16.20
N ASN B 68 -5.70 8.25 -17.32
CA ASN B 68 -6.11 9.08 -18.44
C ASN B 68 -5.54 8.51 -19.73
N ASP B 69 -5.30 9.35 -20.73
CA ASP B 69 -4.74 8.88 -21.99
C ASP B 69 -3.25 8.62 -21.90
N SER B 70 -2.53 9.40 -21.08
CA SER B 70 -1.08 9.31 -21.00
C SER B 70 -0.57 8.02 -20.37
N ASP B 71 -1.47 7.14 -19.92
CA ASP B 71 -1.07 5.85 -19.38
C ASP B 71 -0.73 4.88 -20.51
N GLU B 72 0.17 3.95 -20.22
CA GLU B 72 0.42 2.84 -21.12
C GLU B 72 -0.34 1.61 -20.63
N PHE B 73 -0.77 0.78 -21.57
CA PHE B 73 -1.49 -0.44 -21.25
C PHE B 73 -0.67 -1.66 -21.63
N LEU B 74 -1.00 -2.78 -21.00
CA LEU B 74 -0.36 -4.05 -21.25
C LEU B 74 -1.38 -5.01 -21.84
N GLY B 75 -1.00 -5.72 -22.90
CA GLY B 75 -1.89 -6.59 -23.61
C GLY B 75 -2.12 -7.93 -22.94
N PRO B 76 -2.80 -8.84 -23.64
CA PRO B 76 -3.13 -10.14 -23.04
C PRO B 76 -1.92 -10.95 -22.63
N ASP B 77 -0.78 -10.76 -23.30
CA ASP B 77 0.45 -11.46 -22.96
C ASP B 77 1.43 -10.57 -22.20
N GLY B 78 0.94 -9.48 -21.62
CA GLY B 78 1.78 -8.55 -20.88
C GLY B 78 2.58 -7.61 -21.72
N GLU B 79 2.41 -7.62 -23.05
CA GLU B 79 3.21 -6.78 -23.93
C GLU B 79 2.79 -5.32 -23.82
N VAL B 80 3.77 -4.42 -23.93
CA VAL B 80 3.49 -2.99 -23.91
C VAL B 80 2.69 -2.62 -25.15
N LEU B 81 1.61 -1.87 -24.95
CA LEU B 81 0.71 -1.51 -26.04
C LEU B 81 0.92 -0.06 -26.48
N VAL B 82 0.46 0.23 -27.69
CA VAL B 82 0.50 1.58 -28.25
C VAL B 82 -0.69 1.73 -29.20
N GLN B 83 -1.21 2.94 -29.29
CA GLN B 83 -2.31 3.20 -30.20
C GLN B 83 -1.89 2.96 -31.65
N THR B 84 -2.77 2.33 -32.41
CA THR B 84 -2.53 2.15 -33.83
C THR B 84 -2.57 3.51 -34.53
N LEU B 85 -1.59 3.76 -35.39
CA LEU B 85 -1.43 5.04 -36.06
C LEU B 85 -2.72 5.49 -36.72
N SER B 86 -3.21 6.66 -36.33
CA SER B 86 -4.42 7.22 -36.92
C SER B 86 -4.09 7.80 -38.29
N THR B 87 -4.83 7.37 -39.30
CA THR B 87 -4.64 7.84 -40.68
C THR B 87 -5.96 8.37 -41.22
N GLY B 88 -5.89 8.95 -42.42
CA GLY B 88 -7.09 9.41 -43.08
C GLY B 88 -7.98 8.26 -43.52
N ASP B 89 -7.38 7.17 -43.99
CA ASP B 89 -8.14 6.01 -44.43
C ASP B 89 -8.64 5.18 -43.25
N ALA B 90 -7.94 5.21 -42.13
CA ALA B 90 -8.31 4.44 -40.94
C ALA B 90 -8.18 5.32 -39.70
N PRO B 91 -9.19 6.15 -39.44
CA PRO B 91 -9.13 7.02 -38.26
C PRO B 91 -9.11 6.23 -36.97
N ASN B 92 -8.39 6.77 -35.98
CA ASN B 92 -8.33 6.19 -34.64
C ASN B 92 -8.22 7.32 -33.63
N PRO B 93 -9.17 7.44 -32.68
CA PRO B 93 -10.30 6.53 -32.44
C PRO B 93 -11.48 6.70 -33.40
N VAL B 94 -12.44 5.77 -33.33
CA VAL B 94 -13.69 5.89 -34.06
C VAL B 94 -14.83 5.93 -33.05
N THR B 95 -16.01 6.31 -33.53
CA THR B 95 -17.22 6.27 -32.72
C THR B 95 -18.11 5.13 -33.22
N CYS B 96 -18.54 4.27 -32.31
CA CYS B 96 -19.37 3.12 -32.60
C CYS B 96 -20.71 3.26 -31.89
N PHE B 97 -21.80 3.08 -32.64
CA PHE B 97 -23.14 3.08 -32.10
C PHE B 97 -23.71 1.67 -31.93
N ALA B 98 -23.08 0.67 -32.54
CA ALA B 98 -23.63 -0.69 -32.50
C ALA B 98 -22.49 -1.66 -32.78
N TYR B 99 -22.71 -2.92 -32.38
CA TYR B 99 -21.82 -4.02 -32.74
C TYR B 99 -22.67 -5.16 -33.27
N GLY B 100 -22.46 -5.51 -34.54
CA GLY B 100 -23.28 -6.56 -35.15
C GLY B 100 -24.74 -6.15 -35.17
N ASP B 101 -25.58 -6.93 -34.48
CA ASP B 101 -27.01 -6.72 -34.46
C ASP B 101 -27.48 -5.94 -33.24
N VAL B 102 -26.57 -5.58 -32.33
CA VAL B 102 -26.92 -4.93 -31.07
C VAL B 102 -26.58 -3.44 -31.16
N SER B 103 -27.58 -2.59 -31.00
CA SER B 103 -27.38 -1.15 -30.93
C SER B 103 -27.43 -0.70 -29.48
N PHE B 104 -26.55 0.28 -29.12
CA PHE B 104 -26.37 0.57 -27.70
C PHE B 104 -27.15 1.81 -27.28
N PRO B 105 -27.50 1.91 -25.99
CA PRO B 105 -28.14 3.14 -25.50
C PRO B 105 -27.26 4.37 -25.66
N GLN B 106 -25.95 4.20 -25.62
CA GLN B 106 -25.00 5.31 -25.78
C GLN B 106 -23.97 4.93 -26.84
N SER B 107 -23.36 5.94 -27.42
CA SER B 107 -22.26 5.70 -28.36
C SER B 107 -20.96 5.54 -27.59
N TYR B 108 -19.97 4.94 -28.26
CA TYR B 108 -18.71 4.61 -27.63
C TYR B 108 -17.54 5.15 -28.45
N THR B 109 -16.56 5.74 -27.75
CA THR B 109 -15.27 6.03 -28.34
C THR B 109 -14.41 4.78 -28.28
N VAL B 110 -13.98 4.30 -29.45
CA VAL B 110 -13.28 3.03 -29.58
C VAL B 110 -11.88 3.32 -30.13
N THR B 111 -10.86 2.95 -29.35
CA THR B 111 -9.47 3.21 -29.70
C THR B 111 -8.75 1.88 -29.90
N ARG B 112 -8.18 1.68 -31.08
CA ARG B 112 -7.44 0.45 -31.34
C ARG B 112 -6.01 0.53 -30.80
N TYR B 113 -5.58 -0.54 -30.15
CA TYR B 113 -4.23 -0.67 -29.62
C TYR B 113 -3.57 -1.91 -30.21
N GLN B 114 -2.24 -1.88 -30.27
CA GLN B 114 -1.46 -3.00 -30.80
C GLN B 114 -0.15 -3.08 -30.03
N PRO B 115 0.54 -4.21 -30.08
CA PRO B 115 1.84 -4.31 -29.40
C PRO B 115 2.85 -3.33 -29.97
N ARG B 116 3.59 -2.68 -29.06
CA ARG B 116 4.57 -1.68 -29.48
C ARG B 116 5.72 -2.29 -30.27
N THR B 117 6.21 -3.46 -29.85
CA THR B 117 7.38 -4.06 -30.49
C THR B 117 7.19 -5.50 -30.95
N GLU B 118 6.23 -6.23 -30.41
CA GLU B 118 6.05 -7.62 -30.81
C GLU B 118 5.09 -7.74 -31.99
N SER B 119 5.14 -8.89 -32.65
CA SER B 119 4.25 -9.19 -33.76
C SER B 119 2.93 -9.75 -33.22
N SER B 120 1.83 -9.40 -33.89
CA SER B 120 0.52 -9.87 -33.48
C SER B 120 -0.39 -9.93 -34.69
N PHE B 121 -1.47 -10.69 -34.56
CA PHE B 121 -2.54 -10.73 -35.54
C PHE B 121 -3.88 -10.75 -34.82
N TYR B 122 -4.18 -9.67 -34.10
CA TYR B 122 -5.46 -9.52 -33.42
C TYR B 122 -5.90 -8.08 -33.51
N ARG B 123 -7.11 -7.81 -33.05
CA ARG B 123 -7.65 -6.45 -32.97
C ARG B 123 -8.09 -6.18 -31.53
N LEU B 124 -7.38 -5.29 -30.85
CA LEU B 124 -7.69 -4.94 -29.48
C LEU B 124 -8.20 -3.51 -29.42
N GLU B 125 -9.31 -3.30 -28.73
CA GLU B 125 -9.97 -2.01 -28.70
C GLU B 125 -10.35 -1.64 -27.27
N TYR B 126 -10.21 -0.35 -26.97
CA TYR B 126 -10.61 0.23 -25.69
C TYR B 126 -11.86 1.06 -25.93
N TRP B 127 -12.94 0.71 -25.25
CA TRP B 127 -14.26 1.32 -25.42
C TRP B 127 -14.57 2.20 -24.21
N VAL B 128 -14.91 3.47 -24.47
CA VAL B 128 -15.26 4.42 -23.42
C VAL B 128 -16.63 5.02 -23.76
N GLY B 129 -17.54 4.97 -22.79
CA GLY B 129 -18.88 5.48 -23.03
C GLY B 129 -18.90 6.99 -23.23
N ASN B 130 -19.55 7.43 -24.30
CA ASN B 130 -19.63 8.86 -24.58
C ASN B 130 -20.56 9.60 -23.62
N SER B 131 -21.41 8.87 -22.90
CA SER B 131 -22.40 9.48 -22.02
C SER B 131 -22.10 9.29 -20.54
N ASN B 132 -21.47 8.18 -20.14
CA ASN B 132 -21.15 7.94 -18.74
C ASN B 132 -19.69 7.60 -18.46
N GLY B 133 -18.86 7.47 -19.50
CA GLY B 133 -17.46 7.19 -19.30
C GLY B 133 -17.13 5.76 -18.91
N ASP B 134 -18.11 4.86 -18.87
CA ASP B 134 -17.86 3.47 -18.54
C ASP B 134 -16.95 2.84 -19.59
N ASP B 135 -15.87 2.19 -19.14
CA ASP B 135 -14.81 1.76 -20.04
C ASP B 135 -14.53 0.27 -19.89
N PHE B 136 -14.19 -0.37 -21.01
CA PHE B 136 -13.91 -1.80 -21.04
C PHE B 136 -13.09 -2.10 -22.30
N TRP B 137 -12.69 -3.35 -22.47
CA TRP B 137 -11.88 -3.74 -23.61
C TRP B 137 -12.56 -4.84 -24.41
N LEU B 138 -12.33 -4.82 -25.73
CA LEU B 138 -12.84 -5.83 -26.64
C LEU B 138 -11.68 -6.36 -27.48
N LEU B 139 -11.49 -7.68 -27.48
CA LEU B 139 -10.37 -8.31 -28.15
C LEU B 139 -10.86 -9.34 -29.15
N HIS B 140 -10.42 -9.22 -30.39
CA HIS B 140 -10.67 -10.21 -31.43
C HIS B 140 -9.33 -10.87 -31.72
N ASP B 141 -9.13 -12.07 -31.17
CA ASP B 141 -7.82 -12.69 -31.19
C ASP B 141 -7.55 -13.38 -32.53
N SER B 142 -6.31 -13.88 -32.67
CA SER B 142 -5.85 -14.50 -33.91
C SER B 142 -6.63 -15.74 -34.30
N ASN B 143 -7.48 -16.27 -33.43
CA ASN B 143 -8.27 -17.46 -33.72
C ASN B 143 -9.73 -17.14 -34.00
N GLY B 144 -10.08 -15.87 -34.14
CA GLY B 144 -11.45 -15.50 -34.43
C GLY B 144 -12.38 -15.43 -33.24
N ILE B 145 -11.86 -15.60 -32.03
CA ILE B 145 -12.68 -15.54 -30.82
C ILE B 145 -12.80 -14.10 -30.35
N LEU B 146 -13.99 -13.72 -29.91
CA LEU B 146 -14.27 -12.36 -29.47
C LEU B 146 -14.43 -12.35 -27.95
N HIS B 147 -13.69 -11.45 -27.29
CA HIS B 147 -13.63 -11.36 -25.84
C HIS B 147 -14.05 -9.97 -25.38
N LEU B 148 -14.96 -9.92 -24.42
CA LEU B 148 -15.20 -8.73 -23.62
C LEU B 148 -14.45 -8.88 -22.30
N LEU B 149 -13.59 -7.91 -22.00
CA LEU B 149 -12.83 -7.86 -20.75
C LEU B 149 -13.26 -6.63 -19.96
N GLY B 150 -13.67 -6.85 -18.72
CA GLY B 150 -14.04 -5.79 -17.82
C GLY B 150 -15.30 -5.04 -18.24
N THR B 152 -18.31 -5.34 -17.04
CA THR B 152 -18.98 -4.89 -15.83
C THR B 152 -17.93 -4.62 -14.74
N ALA B 153 -18.34 -3.87 -13.72
CA ALA B 153 -17.44 -3.58 -12.61
C ALA B 153 -17.03 -4.84 -11.85
N ALA B 154 -17.84 -5.90 -11.91
CA ALA B 154 -17.49 -7.13 -11.21
C ALA B 154 -16.24 -7.77 -11.79
N ALA B 155 -15.97 -7.57 -13.08
CA ALA B 155 -14.78 -8.10 -13.74
C ALA B 155 -13.70 -7.05 -13.90
N ARG B 156 -13.66 -6.07 -13.01
CA ARG B 156 -12.68 -5.00 -13.06
C ARG B 156 -12.02 -4.85 -11.70
N LEU B 157 -10.70 -4.75 -11.70
CA LEU B 157 -9.94 -4.41 -10.50
C LEU B 157 -9.82 -2.89 -10.49
N SER B 158 -10.61 -2.24 -9.63
CA SER B 158 -10.74 -0.79 -9.68
C SER B 158 -10.55 -0.18 -8.29
N ASP B 159 -10.20 1.09 -8.30
CA ASP B 159 -10.08 1.89 -7.08
C ASP B 159 -11.43 1.88 -6.36
N PRO B 160 -11.48 1.44 -5.10
CA PRO B 160 -12.78 1.39 -4.40
C PRO B 160 -13.45 2.75 -4.26
N GLN B 161 -12.68 3.83 -4.20
CA GLN B 161 -13.23 5.17 -4.08
C GLN B 161 -13.40 5.87 -5.42
N ALA B 162 -13.11 5.19 -6.54
CA ALA B 162 -13.24 5.82 -7.86
C ALA B 162 -13.37 4.69 -8.88
N ALA B 163 -14.63 4.28 -9.14
CA ALA B 163 -14.89 3.16 -10.04
C ALA B 163 -14.38 3.43 -11.44
N SER B 164 -14.23 4.69 -11.84
CA SER B 164 -13.69 5.00 -13.16
C SER B 164 -12.19 4.76 -13.24
N HIS B 165 -11.50 4.55 -12.12
CA HIS B 165 -10.07 4.24 -12.13
C HIS B 165 -9.89 2.73 -12.09
N THR B 166 -9.83 2.10 -13.27
CA THR B 166 -9.66 0.66 -13.37
C THR B 166 -8.22 0.33 -13.74
N ALA B 167 -7.60 -0.55 -12.96
CA ALA B 167 -6.25 -1.03 -13.20
C ALA B 167 -6.20 -2.28 -14.07
N GLN B 168 -7.20 -3.15 -13.97
CA GLN B 168 -7.22 -4.42 -14.68
C GLN B 168 -8.63 -4.73 -15.15
N TRP B 169 -8.77 -4.99 -16.45
CA TRP B 169 -9.99 -5.51 -17.04
C TRP B 169 -9.80 -7.01 -17.25
N LEU B 170 -10.55 -7.81 -16.49
CA LEU B 170 -10.44 -9.26 -16.57
C LEU B 170 -11.40 -9.81 -17.61
N VAL B 171 -10.97 -10.87 -18.31
CA VAL B 171 -11.82 -11.44 -19.35
C VAL B 171 -13.15 -11.86 -18.72
N GLU B 172 -14.24 -11.40 -19.32
CA GLU B 172 -15.56 -11.63 -18.78
C GLU B 172 -16.45 -12.47 -19.69
N GLU B 173 -16.30 -12.37 -21.01
CA GLU B 173 -17.07 -13.25 -21.87
C GLU B 173 -16.33 -13.48 -23.18
N SER B 174 -16.38 -14.72 -23.67
CA SER B 174 -15.79 -15.08 -24.95
C SER B 174 -16.83 -15.78 -25.81
N VAL B 175 -16.80 -15.51 -27.11
CA VAL B 175 -17.71 -16.12 -28.08
C VAL B 175 -16.94 -16.52 -29.32
N THR B 176 -17.27 -17.70 -29.85
CA THR B 176 -16.72 -18.23 -31.09
C THR B 176 -17.59 -17.81 -32.28
N PRO B 177 -17.07 -17.92 -33.50
CA PRO B 177 -17.93 -17.67 -34.67
C PRO B 177 -19.14 -18.58 -34.73
N ALA B 178 -19.09 -19.74 -34.09
CA ALA B 178 -20.20 -20.69 -34.09
C ALA B 178 -21.24 -20.40 -33.02
N GLY B 179 -21.02 -19.37 -32.19
CA GLY B 179 -21.98 -19.02 -31.15
C GLY B 179 -21.80 -19.71 -29.82
N GLU B 180 -20.62 -20.27 -29.55
CA GLU B 180 -20.34 -20.90 -28.27
C GLU B 180 -19.73 -19.88 -27.33
N HIS B 181 -20.19 -19.87 -26.08
CA HIS B 181 -19.81 -18.84 -25.13
C HIS B 181 -19.08 -19.43 -23.93
N ILE B 182 -18.25 -18.59 -23.32
CA ILE B 182 -17.68 -18.82 -22.00
C ILE B 182 -17.88 -17.54 -21.20
N TYR B 183 -18.44 -17.67 -20.00
CA TYR B 183 -18.74 -16.54 -19.13
C TYR B 183 -18.00 -16.69 -17.81
N TYR B 184 -17.24 -15.66 -17.45
CA TYR B 184 -16.41 -15.66 -16.25
C TYR B 184 -17.07 -14.83 -15.16
N SER B 185 -17.17 -15.40 -13.96
CA SER B 185 -17.70 -14.71 -12.79
C SER B 185 -16.59 -14.51 -11.77
N TYR B 186 -16.58 -13.34 -11.14
CA TYR B 186 -15.59 -13.00 -10.14
C TYR B 186 -16.29 -12.54 -8.87
N LEU B 187 -15.64 -12.83 -7.74
CA LEU B 187 -16.13 -12.42 -6.43
C LEU B 187 -15.26 -11.29 -5.91
N ALA B 188 -15.90 -10.26 -5.38
CA ALA B 188 -15.20 -9.14 -4.78
C ALA B 188 -14.71 -9.52 -3.38
N GLU B 189 -13.48 -9.11 -3.06
CA GLU B 189 -12.95 -9.34 -1.72
C GLU B 189 -13.76 -8.54 -0.70
N ASN B 190 -13.88 -9.09 0.50
CA ASN B 190 -14.60 -8.41 1.57
C ASN B 190 -13.92 -8.74 2.90
N GLY B 191 -14.61 -8.50 4.00
CA GLY B 191 -14.04 -8.70 5.32
C GLY B 191 -14.61 -9.89 6.07
N ASP B 192 -15.25 -10.81 5.36
CA ASP B 192 -15.80 -12.01 5.98
C ASP B 192 -14.71 -12.78 6.72
N ASN B 193 -14.97 -13.08 8.00
CA ASN B 193 -14.07 -13.86 8.85
C ASN B 193 -12.73 -13.16 9.07
N VAL B 194 -12.68 -11.84 8.93
CA VAL B 194 -11.46 -11.06 9.12
C VAL B 194 -11.63 -10.21 10.38
N ASP B 195 -10.67 -10.31 11.29
CA ASP B 195 -10.65 -9.45 12.47
C ASP B 195 -10.22 -8.05 12.05
N LEU B 196 -11.15 -7.10 12.11
CA LEU B 196 -10.94 -5.76 11.57
C LEU B 196 -10.17 -4.83 12.52
N ASN B 197 -9.47 -5.36 13.52
CA ASN B 197 -8.70 -4.55 14.44
C ASN B 197 -7.23 -4.53 14.03
N GLY B 198 -6.50 -3.58 14.63
CA GLY B 198 -5.06 -3.52 14.44
C GLY B 198 -4.67 -3.29 13.00
N ASN B 199 -3.97 -4.27 12.42
CA ASN B 199 -3.43 -4.14 11.08
C ASN B 199 -4.52 -4.10 10.01
N GLU B 200 -5.73 -4.53 10.32
CA GLU B 200 -6.82 -4.55 9.36
C GLU B 200 -7.75 -3.35 9.47
N ALA B 201 -7.47 -2.45 10.41
CA ALA B 201 -8.37 -1.33 10.66
C ALA B 201 -8.26 -0.26 9.57
N GLY B 202 -9.41 0.29 9.18
CA GLY B 202 -9.45 1.40 8.26
C GLY B 202 -9.00 1.10 6.85
N ARG B 203 -9.03 -0.15 6.43
CA ARG B 203 -8.63 -0.53 5.08
C ARG B 203 -9.86 -0.77 4.21
N ASP B 204 -9.85 -0.20 3.02
CA ASP B 204 -10.84 -0.51 2.01
C ASP B 204 -10.33 -1.73 1.24
N ARG B 205 -11.00 -2.88 1.39
CA ARG B 205 -10.49 -4.15 0.91
C ARG B 205 -11.32 -4.76 -0.21
N SER B 206 -12.18 -3.97 -0.84
CA SER B 206 -13.14 -4.52 -1.79
C SER B 206 -12.64 -4.57 -3.23
N ALA B 207 -11.40 -4.15 -3.50
CA ALA B 207 -10.94 -4.03 -4.88
C ALA B 207 -10.65 -5.38 -5.51
N MET B 208 -10.07 -6.31 -4.76
CA MET B 208 -9.60 -7.56 -5.35
C MET B 208 -10.76 -8.36 -5.96
N ARG B 209 -10.46 -9.05 -7.05
CA ARG B 209 -11.42 -9.89 -7.75
C ARG B 209 -10.86 -11.30 -7.83
N TYR B 210 -11.61 -12.27 -7.30
CA TYR B 210 -11.21 -13.67 -7.36
C TYR B 210 -12.03 -14.40 -8.43
N LEU B 211 -11.36 -15.24 -9.21
CA LEU B 211 -12.08 -16.08 -10.15
C LEU B 211 -12.98 -17.05 -9.38
N SER B 212 -14.25 -17.05 -9.74
CA SER B 212 -15.25 -17.78 -8.97
C SER B 212 -15.91 -18.90 -9.77
N VAL B 214 -16.56 -20.37 -13.96
CA VAL B 214 -16.42 -20.33 -15.40
C VAL B 214 -17.56 -21.15 -15.97
N GLN B 215 -18.55 -20.49 -16.56
CA GLN B 215 -19.72 -21.15 -17.12
C GLN B 215 -19.61 -21.20 -18.63
N TYR B 216 -19.85 -22.38 -19.19
CA TYR B 216 -19.72 -22.57 -20.63
C TYR B 216 -20.69 -23.67 -21.07
N GLY B 217 -20.69 -23.94 -22.37
CA GLY B 217 -21.63 -24.90 -22.91
C GLY B 217 -23.06 -24.38 -22.88
N ASN B 218 -23.28 -23.21 -23.47
CA ASN B 218 -24.64 -22.66 -23.54
C ASN B 218 -25.53 -23.60 -24.34
N ALA B 219 -26.78 -23.73 -23.92
CA ALA B 219 -27.68 -24.72 -24.49
C ALA B 219 -27.88 -24.50 -25.99
N THR B 220 -28.17 -23.26 -26.39
CA THR B 220 -28.35 -22.97 -27.80
C THR B 220 -27.38 -21.89 -28.26
N PRO B 221 -26.86 -21.99 -29.48
CA PRO B 221 -25.87 -21.01 -29.94
C PRO B 221 -26.46 -19.62 -30.09
N ALA B 222 -25.63 -18.62 -29.79
CA ALA B 222 -25.99 -17.22 -29.96
C ALA B 222 -24.77 -16.47 -30.46
N ALA B 223 -24.94 -15.73 -31.56
CA ALA B 223 -23.79 -15.10 -32.21
C ALA B 223 -23.25 -13.92 -31.42
N ASP B 224 -24.14 -13.15 -30.81
CA ASP B 224 -23.76 -11.94 -30.08
C ASP B 224 -23.41 -12.25 -28.64
N LEU B 225 -22.43 -11.50 -28.12
CA LEU B 225 -22.06 -11.59 -26.72
C LEU B 225 -23.23 -11.19 -25.84
N TYR B 226 -23.51 -12.01 -24.82
CA TYR B 226 -24.63 -11.71 -23.91
C TYR B 226 -24.42 -10.37 -23.21
N LEU B 227 -23.19 -10.05 -22.85
CA LEU B 227 -22.93 -8.85 -22.06
C LEU B 227 -23.08 -7.55 -22.84
N TRP B 228 -23.30 -7.63 -24.15
CA TRP B 228 -23.74 -6.45 -24.90
C TRP B 228 -25.11 -5.99 -24.40
N THR B 229 -25.98 -6.95 -24.08
CA THR B 229 -27.39 -6.74 -23.75
C THR B 229 -27.63 -6.56 -22.25
N SER B 230 -27.08 -7.47 -21.43
CA SER B 230 -27.36 -7.50 -20.00
C SER B 230 -26.07 -7.53 -19.21
N ALA B 231 -26.18 -7.27 -17.90
CA ALA B 231 -25.02 -7.30 -17.02
C ALA B 231 -24.63 -8.72 -16.64
N THR B 232 -25.60 -9.64 -16.61
CA THR B 232 -25.36 -11.04 -16.31
C THR B 232 -26.16 -11.85 -17.33
N PRO B 233 -25.55 -12.83 -17.98
CA PRO B 233 -26.28 -13.60 -19.02
C PRO B 233 -27.42 -14.39 -18.41
N ALA B 234 -28.59 -14.29 -19.03
CA ALA B 234 -29.76 -15.08 -18.64
C ALA B 234 -29.95 -16.21 -19.66
N VAL B 235 -29.07 -17.20 -19.54
CA VAL B 235 -29.09 -18.37 -20.42
C VAL B 235 -28.84 -19.63 -19.58
N GLN B 236 -29.11 -20.78 -20.17
CA GLN B 236 -28.86 -22.06 -19.56
C GLN B 236 -27.45 -22.51 -19.91
N TRP B 237 -26.62 -22.73 -18.90
CA TRP B 237 -25.29 -23.29 -19.06
C TRP B 237 -25.32 -24.77 -18.74
N LEU B 238 -24.55 -25.56 -19.49
CA LEU B 238 -24.42 -26.98 -19.19
C LEU B 238 -23.27 -27.28 -18.22
N PHE B 239 -22.26 -26.42 -18.17
CA PHE B 239 -21.04 -26.69 -17.43
C PHE B 239 -20.64 -25.49 -16.59
N THR B 240 -20.21 -25.75 -15.36
CA THR B 240 -19.72 -24.71 -14.46
C THR B 240 -18.45 -25.18 -13.79
N LEU B 241 -17.35 -24.47 -14.04
CA LEU B 241 -16.10 -24.69 -13.31
C LEU B 241 -16.06 -23.71 -12.14
N VAL B 242 -16.06 -24.24 -10.92
CA VAL B 242 -16.17 -23.44 -9.70
C VAL B 242 -14.83 -23.42 -9.01
N PHE B 243 -14.34 -22.22 -8.71
CA PHE B 243 -13.16 -22.04 -7.86
C PHE B 243 -13.67 -21.65 -6.47
N ASP B 244 -13.45 -22.54 -5.50
CA ASP B 244 -13.97 -22.37 -4.15
C ASP B 244 -12.84 -22.04 -3.20
N TYR B 245 -13.11 -21.08 -2.31
CA TYR B 245 -12.14 -20.54 -1.36
C TYR B 245 -12.49 -20.92 0.07
N GLY B 246 -13.14 -22.08 0.24
CA GLY B 246 -13.48 -22.60 1.55
C GLY B 246 -14.93 -22.44 1.95
N GLU B 247 -15.73 -21.69 1.18
CA GLU B 247 -17.12 -21.45 1.56
C GLU B 247 -17.97 -22.71 1.50
N ARG B 248 -17.61 -23.67 0.65
CA ARG B 248 -18.38 -24.89 0.49
C ARG B 248 -17.92 -26.02 1.40
N GLY B 249 -16.86 -25.80 2.19
CA GLY B 249 -16.34 -26.85 3.05
C GLY B 249 -15.23 -27.64 2.37
N VAL B 250 -14.21 -28.03 3.13
CA VAL B 250 -13.05 -28.71 2.59
C VAL B 250 -12.94 -30.15 3.09
N ASP B 251 -14.01 -30.68 3.69
CA ASP B 251 -13.98 -32.05 4.17
C ASP B 251 -14.01 -32.98 2.96
N PRO B 252 -13.00 -33.86 2.80
CA PRO B 252 -13.00 -34.75 1.63
C PRO B 252 -14.13 -35.78 1.64
N GLN B 253 -14.73 -36.04 2.81
CA GLN B 253 -15.82 -37.02 2.88
C GLN B 253 -17.16 -36.41 2.48
N VAL B 254 -17.32 -35.10 2.65
CA VAL B 254 -18.57 -34.42 2.37
C VAL B 254 -18.47 -33.75 1.00
N PRO B 255 -19.31 -34.10 0.03
CA PRO B 255 -19.26 -33.45 -1.27
C PRO B 255 -19.70 -32.00 -1.17
N PRO B 256 -19.02 -31.08 -1.84
CA PRO B 256 -19.41 -29.67 -1.75
C PRO B 256 -20.59 -29.36 -2.66
N ALA B 257 -21.53 -28.58 -2.13
CA ALA B 257 -22.71 -28.18 -2.85
C ALA B 257 -22.39 -27.08 -3.86
N PHE B 258 -23.26 -26.95 -4.87
CA PHE B 258 -23.05 -25.96 -5.91
C PHE B 258 -23.13 -24.55 -5.36
N THR B 259 -24.12 -24.28 -4.51
CA THR B 259 -24.32 -22.96 -3.92
C THR B 259 -23.73 -22.93 -2.51
N ALA B 260 -22.92 -21.91 -2.23
CA ALA B 260 -22.24 -21.82 -0.95
C ALA B 260 -23.21 -21.44 0.16
N GLN B 261 -23.16 -22.17 1.27
CA GLN B 261 -23.97 -21.84 2.43
C GLN B 261 -23.21 -21.03 3.48
N ASN B 262 -21.88 -21.03 3.43
CA ASN B 262 -21.06 -20.30 4.38
C ASN B 262 -20.16 -19.32 3.64
N SER B 263 -19.43 -18.52 4.41
CA SER B 263 -18.49 -17.54 3.88
C SER B 263 -17.11 -18.17 3.71
N TRP B 264 -16.33 -17.57 2.81
CA TRP B 264 -15.00 -18.08 2.50
C TRP B 264 -14.04 -17.85 3.67
N LEU B 265 -13.00 -18.67 3.70
CA LEU B 265 -12.02 -18.67 4.79
C LEU B 265 -11.07 -17.49 4.67
N ALA B 266 -10.50 -17.10 5.81
CA ALA B 266 -9.49 -16.05 5.88
C ALA B 266 -8.11 -16.68 6.05
N ARG B 267 -7.17 -16.27 5.20
CA ARG B 267 -5.82 -16.84 5.23
C ARG B 267 -4.99 -16.23 6.35
N GLN B 268 -3.91 -16.94 6.70
CA GLN B 268 -3.01 -16.49 7.75
C GLN B 268 -1.99 -15.45 7.28
N ASP B 269 -1.77 -15.33 5.97
CA ASP B 269 -0.75 -14.45 5.42
C ASP B 269 -1.37 -13.41 4.46
N PRO B 270 -2.29 -12.58 4.94
CA PRO B 270 -2.88 -11.59 4.04
C PRO B 270 -1.85 -10.51 3.69
N PHE B 271 -2.01 -9.94 2.50
CA PHE B 271 -1.08 -8.91 2.06
C PHE B 271 -1.81 -7.96 1.13
N SER B 272 -1.20 -6.78 0.93
CA SER B 272 -1.78 -5.74 0.09
C SER B 272 -0.78 -5.28 -0.96
N LEU B 273 -1.32 -4.88 -2.09
CA LEU B 273 -0.56 -4.36 -3.23
C LEU B 273 -1.01 -2.93 -3.46
N TYR B 274 -0.05 -2.06 -3.81
CA TYR B 274 -0.31 -0.63 -3.89
C TYR B 274 0.24 0.00 -5.16
N ASN B 275 0.76 -0.79 -6.09
CA ASN B 275 1.41 -0.21 -7.26
C ASN B 275 0.44 0.42 -8.25
N TYR B 276 -0.86 0.23 -8.08
CA TYR B 276 -1.84 0.88 -8.96
C TYR B 276 -2.35 2.21 -8.41
N GLY B 277 -1.95 2.59 -7.20
CA GLY B 277 -2.42 3.83 -6.60
C GLY B 277 -3.58 3.65 -5.66
N PHE B 278 -4.04 2.41 -5.45
CA PHE B 278 -5.06 2.10 -4.47
C PHE B 278 -4.75 0.72 -3.90
N GLU B 279 -5.38 0.41 -2.79
CA GLU B 279 -5.10 -0.85 -2.10
C GLU B 279 -5.79 -2.02 -2.79
N ILE B 280 -5.05 -3.12 -2.93
CA ILE B 280 -5.58 -4.39 -3.38
C ILE B 280 -5.17 -5.41 -2.32
N ARG B 281 -6.10 -5.80 -1.45
CA ARG B 281 -5.80 -6.70 -0.35
C ARG B 281 -6.33 -8.10 -0.64
N LEU B 282 -5.54 -9.12 -0.27
CA LEU B 282 -5.92 -10.51 -0.50
C LEU B 282 -6.08 -11.22 0.84
N HIS B 283 -7.28 -11.73 1.10
CA HIS B 283 -7.57 -12.51 2.29
C HIS B 283 -7.89 -13.98 2.00
N ARG B 284 -7.96 -14.37 0.73
CA ARG B 284 -8.53 -15.65 0.35
C ARG B 284 -7.49 -16.57 -0.28
N LEU B 285 -7.73 -17.87 -0.12
CA LEU B 285 -6.98 -18.93 -0.78
C LEU B 285 -7.96 -19.88 -1.43
N CYS B 286 -7.74 -20.21 -2.71
CA CYS B 286 -8.59 -21.19 -3.37
C CYS B 286 -8.33 -22.57 -2.78
N ARG B 287 -9.36 -23.16 -2.17
CA ARG B 287 -9.21 -24.46 -1.55
C ARG B 287 -9.57 -25.60 -2.49
N GLN B 288 -10.42 -25.37 -3.49
CA GLN B 288 -10.79 -26.48 -4.35
C GLN B 288 -11.31 -25.97 -5.69
N VAL B 289 -11.23 -26.84 -6.70
CA VAL B 289 -11.75 -26.56 -8.03
C VAL B 289 -12.73 -27.68 -8.38
N LEU B 290 -13.99 -27.30 -8.62
CA LEU B 290 -15.08 -28.25 -8.79
C LEU B 290 -15.64 -28.17 -10.20
N MET B 291 -16.04 -29.32 -10.74
CA MET B 291 -16.69 -29.39 -12.05
C MET B 291 -18.15 -29.79 -11.86
N PHE B 292 -19.06 -28.93 -12.32
CA PHE B 292 -20.49 -29.17 -12.20
C PHE B 292 -21.11 -29.26 -13.59
N HIS B 293 -22.02 -30.22 -13.75
CA HIS B 293 -22.87 -30.33 -14.93
C HIS B 293 -24.30 -29.94 -14.54
N HIS B 294 -25.06 -29.47 -15.52
CA HIS B 294 -26.43 -28.96 -15.30
C HIS B 294 -27.37 -29.59 -16.32
N PHE B 295 -27.81 -30.82 -16.03
CA PHE B 295 -28.73 -31.56 -16.90
C PHE B 295 -29.97 -31.94 -16.10
N PRO B 296 -30.82 -30.97 -15.77
CA PRO B 296 -31.97 -31.27 -14.89
C PRO B 296 -32.94 -32.28 -15.47
N ASP B 297 -33.17 -32.25 -16.78
CA ASP B 297 -34.12 -33.19 -17.38
C ASP B 297 -33.53 -34.60 -17.43
N GLU B 298 -32.27 -34.73 -17.82
CA GLU B 298 -31.63 -36.01 -18.03
C GLU B 298 -30.98 -36.61 -16.79
N LEU B 299 -30.98 -35.89 -15.67
CA LEU B 299 -30.39 -36.43 -14.44
C LEU B 299 -31.23 -36.21 -13.19
N GLY B 300 -32.31 -35.42 -13.25
CA GLY B 300 -33.17 -35.25 -12.11
C GLY B 300 -32.64 -34.32 -11.03
N GLU B 301 -31.65 -33.49 -11.35
CA GLU B 301 -31.11 -32.54 -10.40
C GLU B 301 -30.54 -31.34 -11.16
N ALA B 302 -30.62 -30.17 -10.52
CA ALA B 302 -30.17 -28.95 -11.18
C ALA B 302 -28.65 -28.94 -11.38
N ASP B 303 -27.90 -29.43 -10.39
CA ASP B 303 -26.44 -29.32 -10.39
C ASP B 303 -25.84 -30.67 -10.04
N THR B 304 -24.90 -31.14 -10.86
CA THR B 304 -24.29 -32.46 -10.70
C THR B 304 -22.79 -32.30 -10.55
N LEU B 305 -22.26 -32.64 -9.38
CA LEU B 305 -20.83 -32.59 -9.15
C LEU B 305 -20.17 -33.78 -9.84
N VAL B 306 -19.15 -33.51 -10.65
CA VAL B 306 -18.49 -34.55 -11.43
C VAL B 306 -17.04 -34.79 -11.00
N SER B 307 -16.33 -33.75 -10.55
CA SER B 307 -14.93 -33.87 -10.18
C SER B 307 -14.56 -32.78 -9.19
N ARG B 308 -13.68 -33.12 -8.24
CA ARG B 308 -13.26 -32.22 -7.18
C ARG B 308 -11.75 -32.27 -7.00
N LEU B 309 -11.06 -31.19 -7.39
CA LEU B 309 -9.64 -31.02 -7.13
C LEU B 309 -9.49 -30.34 -5.77
N LEU B 310 -8.96 -31.06 -4.80
CA LEU B 310 -8.79 -30.57 -3.44
C LEU B 310 -7.32 -30.23 -3.21
N LEU B 311 -7.08 -29.01 -2.75
CA LEU B 311 -5.74 -28.47 -2.51
C LEU B 311 -5.48 -28.36 -1.02
N GLU B 312 -4.34 -28.84 -0.57
CA GLU B 312 -3.89 -28.76 0.81
C GLU B 312 -2.68 -27.84 0.89
N TYR B 313 -2.69 -26.93 1.87
CA TYR B 313 -1.67 -25.91 2.02
C TYR B 313 -0.93 -26.06 3.33
N ASP B 314 0.33 -25.64 3.33
CA ASP B 314 1.09 -25.38 4.55
C ASP B 314 0.86 -23.92 4.90
N GLU B 315 0.06 -23.68 5.93
CA GLU B 315 -0.37 -22.36 6.32
C GLU B 315 0.43 -21.87 7.53
N ASN B 316 0.97 -20.66 7.43
CA ASN B 316 1.62 -20.00 8.55
C ASN B 316 1.62 -18.49 8.30
N PRO B 317 1.89 -17.68 9.33
CA PRO B 317 1.85 -16.22 9.13
C PRO B 317 2.91 -15.67 8.19
N ILE B 318 3.97 -16.42 7.88
CA ILE B 318 4.99 -15.90 6.96
C ILE B 318 4.52 -16.04 5.51
N LEU B 319 4.16 -17.26 5.12
CA LEU B 319 3.70 -17.52 3.76
C LEU B 319 2.84 -18.77 3.78
N THR B 320 1.88 -18.80 2.87
CA THR B 320 1.11 -20.01 2.60
C THR B 320 1.69 -20.66 1.35
N GLN B 321 1.99 -21.95 1.45
CA GLN B 321 2.57 -22.71 0.35
C GLN B 321 1.73 -23.95 0.09
N LEU B 322 1.41 -24.20 -1.17
CA LEU B 322 0.68 -25.41 -1.53
C LEU B 322 1.56 -26.63 -1.26
N CYS B 323 1.00 -27.61 -0.55
CA CYS B 323 1.77 -28.80 -0.23
C CYS B 323 1.21 -30.07 -0.81
N ALA B 324 -0.10 -30.15 -1.09
CA ALA B 324 -0.63 -31.39 -1.64
C ALA B 324 -1.86 -31.10 -2.49
N ALA B 325 -2.17 -32.07 -3.36
CA ALA B 325 -3.36 -31.94 -4.20
C ALA B 325 -3.82 -33.33 -4.61
N ARG B 326 -5.14 -33.48 -4.73
CA ARG B 326 -5.66 -34.71 -5.32
C ARG B 326 -7.04 -34.46 -5.88
N THR B 327 -7.40 -35.23 -6.91
CA THR B 327 -8.65 -35.07 -7.63
C THR B 327 -9.55 -36.28 -7.40
N LEU B 328 -10.70 -36.04 -6.77
CA LEU B 328 -11.74 -37.05 -6.55
C LEU B 328 -12.74 -37.02 -7.70
N ALA B 329 -13.35 -38.17 -7.98
CA ALA B 329 -14.37 -38.29 -9.00
C ALA B 329 -15.66 -38.76 -8.37
N TYR B 330 -16.78 -38.27 -8.93
CA TYR B 330 -18.12 -38.52 -8.40
C TYR B 330 -19.06 -39.05 -9.48
N GLU B 331 -19.12 -40.36 -9.65
CA GLU B 331 -20.09 -40.92 -10.59
C GLU B 331 -21.32 -41.39 -9.83
#